data_1FPR
#
_entry.id   1FPR
#
_cell.length_a   111.58
_cell.length_b   45.21
_cell.length_c   56.27
_cell.angle_alpha   90
_cell.angle_beta   90
_cell.angle_gamma   90
#
_symmetry.space_group_name_H-M   'P 21 21 2'
#
loop_
_entity.id
_entity.type
_entity.pdbx_description
1 polymer 'PROTEIN-TYROSINE PHOSPHATASE 1C'
2 polymer 'PEPTIDE PY469'
#
loop_
_entity_poly.entity_id
_entity_poly.type
_entity_poly.pdbx_seq_one_letter_code
_entity_poly.pdbx_strand_id
1 'polypeptide(L)'
;GFWEEFESLQKQEVKNLHQRLEGQRPENKGKNRYKNILPFDHSRVILQGRDSNIPGSDYINANYIKNQLLGPDENAKTYI
ASQGCLEATVNDFWQMAWQENSRVIVMTTREVEKGRNKCVPYWPEVGMQRAYGPYSVTNCGEHDTTEYKLRTLQVSPLDN
GDLIREIWHYQYLSWPDHGVPSEPGGVLSFLDQINQRQESLPHAGPIIVHSSAGIGRTGTIIVIDMLMENISTKGLDCDI
DIQKTIQMVRAQRSGMVQTEAQYKFIYVAIAQFIETTKKKLEVL
;
A
2 'polypeptide(L)' EDTLT(PTR)ADLD B
#
# COMPACT_ATOMS: atom_id res chain seq x y z
N GLY A 1 14.11 -13.93 -30.19
CA GLY A 1 13.54 -13.06 -31.27
C GLY A 1 12.91 -11.78 -30.75
N PHE A 2 13.24 -10.66 -31.38
CA PHE A 2 12.73 -9.36 -30.99
C PHE A 2 11.20 -9.31 -30.91
N TRP A 3 10.56 -9.94 -31.89
CA TRP A 3 9.10 -9.96 -31.96
C TRP A 3 8.47 -11.03 -31.09
N GLU A 4 9.22 -12.10 -30.85
CA GLU A 4 8.73 -13.21 -30.06
C GLU A 4 8.52 -12.75 -28.62
N GLU A 5 9.27 -11.74 -28.20
CA GLU A 5 9.17 -11.19 -26.87
C GLU A 5 8.28 -9.97 -26.83
N PHE A 6 8.14 -9.28 -27.98
CA PHE A 6 7.30 -8.09 -28.07
C PHE A 6 5.84 -8.54 -28.07
N GLU A 7 5.56 -9.57 -28.86
CA GLU A 7 4.21 -10.11 -28.92
C GLU A 7 4.06 -11.06 -27.75
N SER A 8 4.81 -10.81 -26.70
CA SER A 8 4.76 -11.61 -25.48
C SER A 8 4.52 -10.59 -24.37
N LEU A 9 5.13 -9.42 -24.55
CA LEU A 9 5.02 -8.31 -23.63
C LEU A 9 3.68 -7.63 -23.89
N GLN A 10 3.10 -7.90 -25.05
CA GLN A 10 1.81 -7.31 -25.45
C GLN A 10 0.64 -7.93 -24.68
N LYS A 11 0.71 -9.24 -24.48
CA LYS A 11 -0.34 -9.95 -23.76
C LYS A 11 -0.24 -9.65 -22.28
N GLN A 12 0.90 -9.10 -21.86
CA GLN A 12 1.12 -8.75 -20.47
C GLN A 12 0.45 -7.40 -20.19
N GLU A 13 0.01 -6.73 -21.25
CA GLU A 13 -0.64 -5.43 -21.15
C GLU A 13 -2.14 -5.54 -20.87
N VAL A 14 -2.61 -4.78 -19.87
CA VAL A 14 -4.01 -4.80 -19.49
C VAL A 14 -4.62 -3.40 -19.36
N LYS A 15 -3.76 -2.38 -19.28
CA LYS A 15 -4.22 -1.00 -19.15
C LYS A 15 -5.24 -0.66 -20.23
N ASN A 16 -5.21 -1.40 -21.33
CA ASN A 16 -6.14 -1.17 -22.42
C ASN A 16 -7.43 -1.96 -22.20
N LEU A 17 -7.34 -3.04 -21.43
CA LEU A 17 -8.51 -3.85 -21.13
C LEU A 17 -9.27 -3.23 -20.00
N HIS A 18 -8.54 -2.76 -18.98
CA HIS A 18 -9.15 -2.15 -17.81
C HIS A 18 -9.31 -0.64 -17.91
N GLN A 19 -10.53 -0.19 -17.62
CA GLN A 19 -10.93 1.22 -17.70
C GLN A 19 -10.62 2.02 -16.43
N ARG A 20 -10.02 3.20 -16.61
CA ARG A 20 -9.69 4.09 -15.51
C ARG A 20 -10.54 5.35 -15.66
N LEU A 21 -11.82 5.14 -15.93
CA LEU A 21 -12.82 6.19 -16.16
C LEU A 21 -13.13 7.14 -14.99
N GLU A 22 -13.07 6.61 -13.76
CA GLU A 22 -13.38 7.40 -12.57
C GLU A 22 -12.25 8.36 -12.16
N GLY A 23 -11.01 7.93 -12.32
CA GLY A 23 -9.91 8.80 -11.96
C GLY A 23 -9.70 9.88 -12.99
N GLN A 24 -10.33 9.73 -14.15
CA GLN A 24 -10.21 10.69 -15.27
C GLN A 24 -11.16 11.90 -15.25
N ARG A 25 -12.17 11.85 -14.40
CA ARG A 25 -13.11 12.96 -14.31
C ARG A 25 -12.41 14.28 -13.98
N PRO A 26 -12.73 15.35 -14.71
CA PRO A 26 -12.06 16.61 -14.40
C PRO A 26 -12.43 17.08 -12.99
N GLU A 27 -13.19 16.24 -12.30
CA GLU A 27 -13.61 16.54 -10.93
C GLU A 27 -12.66 15.92 -9.89
N ASN A 28 -11.86 14.96 -10.34
CA ASN A 28 -10.91 14.25 -9.48
C ASN A 28 -9.45 14.55 -9.84
N LYS A 29 -9.23 15.59 -10.60
CA LYS A 29 -7.87 15.96 -11.01
C LYS A 29 -7.00 16.22 -9.79
N GLY A 30 -7.49 17.03 -8.87
CA GLY A 30 -6.73 17.36 -7.68
C GLY A 30 -6.70 16.18 -6.71
N LYS A 31 -7.65 15.26 -6.88
CA LYS A 31 -7.71 14.09 -6.02
C LYS A 31 -6.60 13.14 -6.43
N ASN A 32 -5.86 13.51 -7.49
CA ASN A 32 -4.77 12.67 -7.97
C ASN A 32 -3.42 13.36 -7.82
N ARG A 33 -2.37 12.54 -7.71
CA ARG A 33 -1.01 13.04 -7.55
C ARG A 33 -0.35 13.07 -8.91
N TYR A 34 -0.61 12.03 -9.70
CA TYR A 34 -0.06 11.92 -11.05
C TYR A 34 -1.20 11.65 -12.00
N LYS A 35 -1.37 12.56 -12.97
CA LYS A 35 -2.43 12.45 -13.97
C LYS A 35 -2.39 11.13 -14.74
N ASN A 36 -1.21 10.53 -14.80
CA ASN A 36 -1.04 9.26 -15.50
C ASN A 36 -1.39 8.09 -14.57
N ILE A 37 -1.17 8.32 -13.28
CA ILE A 37 -1.43 7.31 -12.28
C ILE A 37 -2.89 7.37 -11.83
N LEU A 38 -3.64 6.32 -12.14
CA LEU A 38 -5.04 6.23 -11.78
C LEU A 38 -5.40 4.79 -11.46
N PRO A 39 -6.46 4.60 -10.67
CA PRO A 39 -6.95 3.28 -10.27
C PRO A 39 -7.94 2.63 -11.25
N PHE A 40 -7.77 1.33 -11.49
CA PHE A 40 -8.69 0.62 -12.36
C PHE A 40 -10.04 0.82 -11.67
N ASP A 41 -11.08 1.08 -12.45
CA ASP A 41 -12.42 1.32 -11.92
C ASP A 41 -13.01 0.08 -11.26
N HIS A 42 -12.71 -1.09 -11.80
CA HIS A 42 -13.25 -2.32 -11.25
C HIS A 42 -12.76 -2.65 -9.83
N SER A 43 -11.44 -2.67 -9.64
CA SER A 43 -10.88 -2.99 -8.34
C SER A 43 -10.58 -1.74 -7.50
N ARG A 44 -11.18 -0.61 -7.87
CA ARG A 44 -10.92 0.62 -7.13
C ARG A 44 -11.83 0.80 -5.93
N VAL A 45 -11.34 1.57 -4.95
CA VAL A 45 -12.07 1.81 -3.71
C VAL A 45 -13.02 2.99 -3.87
N ILE A 46 -14.29 2.76 -3.55
CA ILE A 46 -15.29 3.81 -3.67
C ILE A 46 -15.68 4.39 -2.31
N LEU A 47 -15.35 5.67 -2.09
CA LEU A 47 -15.72 6.29 -0.83
C LEU A 47 -17.19 6.01 -0.65
N GLN A 48 -17.62 5.68 0.55
CA GLN A 48 -19.02 5.38 0.73
C GLN A 48 -19.86 6.39 1.51
N GLY A 49 -21.17 6.29 1.32
CA GLY A 49 -22.12 7.18 1.95
C GLY A 49 -22.05 8.57 1.34
N ARG A 50 -21.44 8.65 0.15
CA ARG A 50 -21.26 9.93 -0.55
C ARG A 50 -22.54 10.42 -1.25
N ASP A 51 -22.37 11.32 -2.23
CA ASP A 51 -23.50 11.84 -3.01
C ASP A 51 -23.21 11.78 -4.49
N SER A 52 -23.93 10.90 -5.18
CA SER A 52 -23.77 10.70 -6.62
C SER A 52 -23.94 12.02 -7.35
N ASN A 53 -24.72 12.92 -6.75
CA ASN A 53 -24.98 14.21 -7.35
C ASN A 53 -23.75 15.09 -7.49
N ILE A 54 -22.82 14.97 -6.54
CA ILE A 54 -21.58 15.73 -6.56
C ILE A 54 -20.64 15.05 -7.57
N PRO A 55 -20.17 15.81 -8.58
CA PRO A 55 -19.27 15.24 -9.58
C PRO A 55 -18.27 14.30 -8.91
N GLY A 56 -17.17 14.85 -8.40
CA GLY A 56 -16.21 14.01 -7.72
C GLY A 56 -16.68 13.97 -6.28
N SER A 57 -16.96 12.77 -5.75
CA SER A 57 -17.44 12.63 -4.38
C SER A 57 -17.06 11.33 -3.65
N ASP A 58 -17.22 10.19 -4.33
CA ASP A 58 -16.92 8.88 -3.79
C ASP A 58 -15.63 8.30 -4.38
N TYR A 59 -14.75 9.17 -4.84
CA TYR A 59 -13.51 8.72 -5.46
C TYR A 59 -12.27 8.81 -4.59
N ILE A 60 -11.43 7.78 -4.68
CA ILE A 60 -10.16 7.73 -3.96
C ILE A 60 -9.21 6.98 -4.88
N ASN A 61 -7.98 7.48 -4.99
CA ASN A 61 -7.03 6.85 -5.87
C ASN A 61 -6.37 5.67 -5.20
N ALA A 62 -7.14 4.59 -5.06
CA ALA A 62 -6.67 3.37 -4.43
C ALA A 62 -7.35 2.18 -5.05
N ASN A 63 -6.82 1.00 -4.78
CA ASN A 63 -7.41 -0.22 -5.31
C ASN A 63 -7.35 -1.37 -4.32
N TYR A 64 -8.10 -2.41 -4.60
CA TYR A 64 -8.10 -3.59 -3.76
C TYR A 64 -7.11 -4.55 -4.41
N ILE A 65 -6.09 -4.95 -3.64
CA ILE A 65 -5.10 -5.89 -4.12
C ILE A 65 -5.44 -7.22 -3.50
N LYS A 66 -5.12 -8.28 -4.22
CA LYS A 66 -5.40 -9.62 -3.75
C LYS A 66 -4.36 -10.52 -4.34
N ASN A 67 -3.80 -11.38 -3.49
CA ASN A 67 -2.81 -12.32 -3.94
C ASN A 67 -3.58 -13.45 -4.58
N GLN A 68 -3.56 -13.49 -5.90
CA GLN A 68 -4.26 -14.55 -6.59
C GLN A 68 -3.32 -15.73 -6.70
N LEU A 69 -2.28 -15.71 -5.86
CA LEU A 69 -1.27 -16.77 -5.81
C LEU A 69 -1.59 -17.72 -4.66
N LEU A 70 -2.58 -17.35 -3.84
CA LEU A 70 -2.99 -18.16 -2.72
C LEU A 70 -4.50 -18.40 -2.77
N GLY A 71 -4.95 -19.52 -2.20
CA GLY A 71 -6.35 -19.88 -2.22
C GLY A 71 -7.23 -19.24 -1.15
N PRO A 72 -8.50 -19.00 -1.48
CA PRO A 72 -9.41 -18.39 -0.49
C PRO A 72 -9.49 -19.28 0.73
N ASP A 73 -9.20 -20.56 0.55
CA ASP A 73 -9.21 -21.50 1.65
C ASP A 73 -7.83 -21.48 2.30
N GLU A 74 -7.02 -20.49 1.91
CA GLU A 74 -5.67 -20.39 2.46
C GLU A 74 -5.39 -19.07 3.16
N ASN A 75 -6.40 -18.57 3.87
CA ASN A 75 -6.31 -17.34 4.63
C ASN A 75 -5.23 -16.36 4.15
N ALA A 76 -5.20 -16.08 2.85
CA ALA A 76 -4.22 -15.13 2.33
C ALA A 76 -4.69 -13.75 2.76
N LYS A 77 -3.75 -12.83 2.96
CA LYS A 77 -4.07 -11.49 3.43
C LYS A 77 -4.55 -10.50 2.37
N THR A 78 -5.12 -9.40 2.84
CA THR A 78 -5.68 -8.37 1.98
C THR A 78 -5.01 -7.01 2.09
N TYR A 79 -4.76 -6.38 0.95
CA TYR A 79 -4.14 -5.07 0.92
C TYR A 79 -4.99 -4.05 0.15
N ILE A 80 -4.47 -2.83 0.06
CA ILE A 80 -5.09 -1.76 -0.65
C ILE A 80 -4.00 -0.81 -1.12
N ALA A 81 -3.46 -1.00 -2.32
CA ALA A 81 -2.44 -0.05 -2.76
C ALA A 81 -3.21 1.27 -2.77
N SER A 82 -2.53 2.38 -2.55
CA SER A 82 -3.22 3.68 -2.52
C SER A 82 -2.25 4.83 -2.61
N GLN A 83 -2.77 6.02 -2.86
CA GLN A 83 -1.92 7.19 -2.95
C GLN A 83 -1.79 7.56 -1.51
N GLY A 84 -0.78 8.37 -1.18
CA GLY A 84 -0.61 8.72 0.22
C GLY A 84 -0.27 10.14 0.58
N CYS A 85 -0.35 10.42 1.87
CA CYS A 85 -0.06 11.74 2.46
C CYS A 85 -0.36 12.95 1.56
N LEU A 86 -1.53 12.95 0.95
CA LEU A 86 -1.95 14.06 0.11
C LEU A 86 -2.88 14.89 0.97
N GLU A 87 -2.46 16.10 1.35
CA GLU A 87 -3.29 16.94 2.19
C GLU A 87 -4.70 17.01 1.58
N ALA A 88 -4.75 17.23 0.27
CA ALA A 88 -6.00 17.33 -0.46
C ALA A 88 -6.78 16.03 -0.58
N THR A 89 -6.66 15.17 0.42
CA THR A 89 -7.37 13.88 0.42
C THR A 89 -7.29 13.11 1.74
N VAL A 90 -6.94 13.79 2.84
CA VAL A 90 -6.80 13.13 4.15
C VAL A 90 -8.08 12.56 4.75
N ASN A 91 -9.22 13.23 4.52
CA ASN A 91 -10.47 12.71 5.06
C ASN A 91 -10.96 11.56 4.17
N ASP A 92 -10.55 11.60 2.90
CA ASP A 92 -10.90 10.55 1.96
C ASP A 92 -10.20 9.29 2.46
N PHE A 93 -8.94 9.46 2.86
CA PHE A 93 -8.12 8.39 3.39
C PHE A 93 -8.72 7.75 4.64
N TRP A 94 -9.16 8.58 5.58
CA TRP A 94 -9.76 8.09 6.83
C TRP A 94 -11.18 7.57 6.63
N GLN A 95 -11.82 7.92 5.50
CA GLN A 95 -13.15 7.38 5.24
C GLN A 95 -12.86 6.02 4.63
N MET A 96 -11.85 5.98 3.78
CA MET A 96 -11.46 4.71 3.15
C MET A 96 -11.09 3.74 4.27
N ALA A 97 -10.20 4.19 5.15
CA ALA A 97 -9.74 3.39 6.28
C ALA A 97 -10.86 3.07 7.25
N TRP A 98 -11.75 4.03 7.51
CA TRP A 98 -12.82 3.73 8.44
C TRP A 98 -13.79 2.69 7.89
N GLN A 99 -14.29 2.95 6.67
CA GLN A 99 -15.25 2.07 5.99
C GLN A 99 -14.69 0.70 5.62
N GLU A 100 -13.38 0.59 5.44
CA GLU A 100 -12.78 -0.70 5.11
C GLU A 100 -12.35 -1.42 6.39
N ASN A 101 -12.74 -0.88 7.53
CA ASN A 101 -12.37 -1.44 8.83
C ASN A 101 -10.90 -1.83 8.91
N SER A 102 -10.05 -1.03 8.26
CA SER A 102 -8.61 -1.28 8.27
C SER A 102 -8.04 -0.95 9.65
N ARG A 103 -7.14 -1.81 10.13
CA ARG A 103 -6.50 -1.65 11.43
C ARG A 103 -5.00 -1.33 11.34
N VAL A 104 -4.38 -1.71 10.23
CA VAL A 104 -2.94 -1.51 10.02
C VAL A 104 -2.66 -0.71 8.76
N ILE A 105 -1.88 0.36 8.85
CA ILE A 105 -1.51 1.15 7.68
C ILE A 105 -0.03 0.86 7.42
N VAL A 106 0.40 0.97 6.17
CA VAL A 106 1.80 0.67 5.84
C VAL A 106 2.38 1.75 4.94
N MET A 107 2.70 2.90 5.53
CA MET A 107 3.26 4.03 4.81
C MET A 107 4.74 3.79 4.47
N THR A 108 5.03 3.45 3.22
CA THR A 108 6.40 3.20 2.80
C THR A 108 7.14 4.49 2.50
N THR A 109 6.76 5.56 3.18
CA THR A 109 7.40 6.83 2.91
C THR A 109 7.37 7.80 4.06
N ARG A 110 8.36 8.69 4.11
CA ARG A 110 8.46 9.70 5.15
C ARG A 110 7.56 10.87 4.81
N GLU A 111 7.80 11.99 5.47
CA GLU A 111 7.02 13.18 5.21
C GLU A 111 7.79 14.04 4.19
N VAL A 112 7.07 14.68 3.29
CA VAL A 112 7.70 15.51 2.26
C VAL A 112 6.79 16.68 1.94
N GLU A 113 6.55 17.54 2.94
CA GLU A 113 5.69 18.70 2.74
C GLU A 113 6.38 19.71 1.83
N LYS A 114 7.65 19.44 1.51
CA LYS A 114 8.48 20.28 0.65
C LYS A 114 7.76 21.55 0.20
N GLY A 115 8.18 22.66 0.80
CA GLY A 115 7.58 23.94 0.47
C GLY A 115 6.10 23.93 0.87
N ARG A 116 5.37 22.93 0.38
CA ARG A 116 3.94 22.81 0.67
C ARG A 116 3.55 21.49 1.31
N ASN A 117 3.30 20.46 0.51
CA ASN A 117 2.88 19.19 1.08
C ASN A 117 2.88 17.99 0.13
N LYS A 118 3.97 17.74 -0.59
CA LYS A 118 3.98 16.58 -1.47
C LYS A 118 3.43 15.41 -0.63
N CYS A 119 4.09 15.17 0.50
CA CYS A 119 3.71 14.12 1.44
C CYS A 119 3.48 14.74 2.82
N VAL A 120 2.23 14.93 3.20
CA VAL A 120 1.91 15.54 4.49
C VAL A 120 1.30 14.57 5.49
N PRO A 121 1.57 14.80 6.79
CA PRO A 121 1.07 13.99 7.91
C PRO A 121 -0.45 13.96 8.06
N TYR A 122 -1.00 12.78 8.30
CA TYR A 122 -2.43 12.64 8.48
C TYR A 122 -2.78 12.06 9.85
N TRP A 123 -1.90 12.30 10.82
CA TRP A 123 -2.06 11.84 12.20
C TRP A 123 -1.76 13.05 13.08
N PRO A 124 -2.08 12.97 14.40
CA PRO A 124 -1.80 14.09 15.31
C PRO A 124 -0.37 14.07 15.84
N GLU A 125 -0.26 14.09 17.16
CA GLU A 125 1.02 14.03 17.88
C GLU A 125 0.65 13.28 19.14
N VAL A 126 1.62 12.66 19.79
CA VAL A 126 1.31 11.90 20.98
C VAL A 126 0.37 12.64 21.92
N GLY A 127 -0.66 11.94 22.36
CA GLY A 127 -1.62 12.56 23.26
C GLY A 127 -2.41 13.66 22.58
N MET A 128 -2.40 13.63 21.26
CA MET A 128 -3.13 14.61 20.47
C MET A 128 -4.27 13.97 19.70
N GLN A 129 -5.47 14.51 19.87
CA GLN A 129 -6.65 14.01 19.17
C GLN A 129 -6.95 15.01 18.06
N ARG A 130 -7.12 14.51 16.84
CA ARG A 130 -7.40 15.34 15.68
C ARG A 130 -8.62 14.81 14.94
N ALA A 131 -9.37 15.73 14.33
CA ALA A 131 -10.57 15.37 13.60
C ALA A 131 -10.28 15.34 12.10
N TYR A 132 -10.87 14.37 11.42
CA TYR A 132 -10.71 14.24 9.97
C TYR A 132 -12.07 13.83 9.42
N GLY A 133 -12.76 14.80 8.81
CA GLY A 133 -14.08 14.54 8.27
C GLY A 133 -14.97 14.09 9.42
N PRO A 134 -15.69 12.98 9.24
CA PRO A 134 -16.59 12.44 10.26
C PRO A 134 -15.86 11.69 11.37
N TYR A 135 -14.55 11.55 11.24
CA TYR A 135 -13.78 10.80 12.23
C TYR A 135 -12.70 11.59 12.94
N SER A 136 -12.45 11.20 14.19
CA SER A 136 -11.42 11.81 15.01
C SER A 136 -10.37 10.75 15.32
N VAL A 137 -9.12 11.08 15.10
CA VAL A 137 -8.03 10.16 15.35
C VAL A 137 -7.12 10.72 16.48
N THR A 138 -6.69 9.86 17.41
CA THR A 138 -5.80 10.30 18.49
C THR A 138 -4.49 9.51 18.39
N ASN A 139 -3.36 10.18 18.66
CA ASN A 139 -2.05 9.52 18.63
C ASN A 139 -1.64 9.01 20.01
N CYS A 140 -1.58 7.69 20.16
CA CYS A 140 -1.20 7.10 21.44
C CYS A 140 0.28 6.76 21.58
N GLY A 141 1.10 7.22 20.63
CA GLY A 141 2.54 6.97 20.72
C GLY A 141 3.28 6.34 19.56
N GLU A 142 4.38 6.96 19.17
CA GLU A 142 5.16 6.39 18.08
C GLU A 142 6.34 5.58 18.64
N HIS A 143 6.32 4.29 18.35
CA HIS A 143 7.36 3.39 18.82
C HIS A 143 8.39 3.18 17.71
N ASP A 144 9.25 4.18 17.56
CA ASP A 144 10.29 4.17 16.55
C ASP A 144 11.28 2.99 16.60
N THR A 145 12.29 3.12 15.76
CA THR A 145 13.34 2.13 15.60
C THR A 145 14.34 2.85 14.72
N THR A 146 15.34 2.14 14.21
CA THR A 146 16.31 2.82 13.39
C THR A 146 15.83 3.10 11.96
N GLU A 147 14.82 2.36 11.53
CA GLU A 147 14.30 2.51 10.17
C GLU A 147 12.80 2.82 10.07
N TYR A 148 11.99 2.19 10.90
CA TYR A 148 10.54 2.41 10.88
C TYR A 148 9.94 2.72 12.25
N LYS A 149 9.12 3.76 12.29
CA LYS A 149 8.44 4.18 13.50
C LYS A 149 7.13 3.38 13.60
N LEU A 150 6.34 3.67 14.63
CA LEU A 150 5.05 3.00 14.81
C LEU A 150 4.17 3.79 15.77
N ARG A 151 3.21 4.52 15.21
CA ARG A 151 2.29 5.31 16.02
C ARG A 151 1.04 4.51 16.33
N THR A 152 0.63 4.55 17.59
CA THR A 152 -0.56 3.85 18.02
C THR A 152 -1.66 4.89 18.06
N LEU A 153 -2.60 4.79 17.12
CA LEU A 153 -3.71 5.73 17.02
C LEU A 153 -5.08 5.08 17.17
N GLN A 154 -5.99 5.81 17.80
CA GLN A 154 -7.35 5.35 18.01
C GLN A 154 -8.27 6.29 17.27
N VAL A 155 -9.00 5.74 16.30
CA VAL A 155 -9.94 6.49 15.47
C VAL A 155 -11.38 6.21 15.92
N SER A 156 -12.14 7.27 16.16
CA SER A 156 -13.53 7.12 16.55
C SER A 156 -14.38 8.15 15.83
N PRO A 157 -15.62 7.78 15.47
CA PRO A 157 -16.47 8.74 14.77
C PRO A 157 -16.89 9.85 15.72
N LEU A 158 -16.96 11.06 15.20
CA LEU A 158 -17.37 12.21 16.00
C LEU A 158 -18.73 11.90 16.61
N ASP A 159 -19.53 11.09 15.91
CA ASP A 159 -20.84 10.73 16.39
C ASP A 159 -20.71 9.77 17.57
N ASN A 160 -20.03 8.66 17.34
CA ASN A 160 -19.82 7.67 18.39
C ASN A 160 -18.40 7.77 18.92
N GLY A 161 -18.28 8.21 20.17
CA GLY A 161 -16.96 8.34 20.77
C GLY A 161 -16.65 7.09 21.57
N ASP A 162 -17.69 6.37 21.92
CA ASP A 162 -17.56 5.15 22.69
C ASP A 162 -17.23 4.03 21.72
N LEU A 163 -17.32 4.32 20.43
CA LEU A 163 -17.00 3.34 19.40
C LEU A 163 -15.53 3.53 19.03
N ILE A 164 -14.63 3.34 20.00
CA ILE A 164 -13.21 3.52 19.75
C ILE A 164 -12.55 2.38 18.95
N ARG A 165 -11.59 2.77 18.10
CA ARG A 165 -10.86 1.83 17.27
C ARG A 165 -9.39 2.21 17.26
N GLU A 166 -8.50 1.23 17.37
CA GLU A 166 -7.08 1.52 17.35
C GLU A 166 -6.44 0.94 16.09
N ILE A 167 -5.95 1.83 15.23
CA ILE A 167 -5.33 1.36 14.02
C ILE A 167 -3.83 1.53 14.18
N TRP A 168 -3.08 0.55 13.70
CA TRP A 168 -1.62 0.52 13.79
C TRP A 168 -0.93 1.02 12.53
N HIS A 169 -0.35 2.20 12.62
CA HIS A 169 0.33 2.81 11.48
C HIS A 169 1.83 2.54 11.55
N TYR A 170 2.31 1.72 10.61
CA TYR A 170 3.70 1.34 10.54
C TYR A 170 4.50 2.09 9.49
N GLN A 171 4.79 3.37 9.74
CA GLN A 171 5.57 4.16 8.80
C GLN A 171 7.02 3.71 8.62
N TYR A 172 7.51 3.71 7.38
CA TYR A 172 8.89 3.31 7.10
C TYR A 172 9.69 4.54 6.73
N LEU A 173 10.68 4.91 7.55
CA LEU A 173 11.46 6.09 7.27
C LEU A 173 12.93 5.83 6.99
N SER A 174 13.20 4.88 6.10
CA SER A 174 14.59 4.56 5.75
C SER A 174 14.75 4.20 4.26
N TRP A 175 13.70 4.40 3.48
CA TRP A 175 13.73 4.11 2.04
C TRP A 175 14.41 5.21 1.26
N PRO A 176 15.42 4.84 0.44
CA PRO A 176 16.18 5.79 -0.38
C PRO A 176 15.26 6.74 -1.14
N ASP A 177 15.19 7.99 -0.67
CA ASP A 177 14.35 8.99 -1.32
C ASP A 177 14.61 9.05 -2.81
N HIS A 178 15.60 8.30 -3.26
CA HIS A 178 15.95 8.29 -4.67
C HIS A 178 16.49 6.92 -5.05
N GLY A 179 15.76 5.88 -4.67
CA GLY A 179 16.18 4.53 -4.99
C GLY A 179 15.53 3.50 -4.08
N VAL A 180 16.23 2.39 -3.91
CA VAL A 180 15.76 1.29 -3.08
C VAL A 180 16.81 1.05 -1.98
N PRO A 181 16.37 0.69 -0.76
CA PRO A 181 17.29 0.45 0.35
C PRO A 181 18.36 -0.59 0.03
N SER A 182 19.56 -0.37 0.55
CA SER A 182 20.66 -1.28 0.29
C SER A 182 20.55 -2.53 1.15
N GLU A 183 19.42 -2.69 1.83
CA GLU A 183 19.27 -3.87 2.68
C GLU A 183 17.81 -4.22 2.94
N PRO A 184 17.42 -5.45 2.62
CA PRO A 184 16.04 -5.93 2.81
C PRO A 184 15.69 -6.10 4.28
N GLY A 185 16.72 -6.33 5.10
CA GLY A 185 16.54 -6.52 6.52
C GLY A 185 15.45 -5.68 7.15
N GLY A 186 15.59 -4.36 7.05
CA GLY A 186 14.63 -3.43 7.62
C GLY A 186 13.17 -3.70 7.27
N VAL A 187 12.83 -3.55 5.99
CA VAL A 187 11.45 -3.79 5.53
C VAL A 187 11.11 -5.25 5.73
N LEU A 188 12.13 -6.09 5.67
CA LEU A 188 11.98 -7.53 5.88
C LEU A 188 11.59 -7.74 7.34
N SER A 189 11.98 -6.80 8.19
CA SER A 189 11.63 -6.85 9.61
C SER A 189 10.33 -6.06 9.74
N PHE A 190 10.27 -4.97 8.99
CA PHE A 190 9.11 -4.09 8.94
C PHE A 190 7.87 -4.91 8.62
N LEU A 191 7.99 -5.76 7.61
CA LEU A 191 6.90 -6.61 7.18
C LEU A 191 6.57 -7.68 8.21
N ASP A 192 7.57 -8.03 9.01
CA ASP A 192 7.42 -9.06 10.02
C ASP A 192 6.33 -8.72 11.03
N GLN A 193 6.49 -7.56 11.69
CA GLN A 193 5.55 -7.09 12.69
C GLN A 193 4.18 -6.79 12.10
N ILE A 194 4.17 -6.11 10.95
CA ILE A 194 2.93 -5.79 10.27
C ILE A 194 2.11 -7.05 10.08
N ASN A 195 2.77 -8.13 9.65
CA ASN A 195 2.09 -9.41 9.42
C ASN A 195 1.59 -10.00 10.73
N GLN A 196 2.47 -10.10 11.70
CA GLN A 196 2.07 -10.64 12.99
C GLN A 196 0.92 -9.81 13.56
N ARG A 197 0.92 -8.51 13.27
CA ARG A 197 -0.13 -7.67 13.79
C ARG A 197 -1.50 -7.98 13.20
N GLN A 198 -1.66 -7.66 11.92
CA GLN A 198 -2.92 -7.91 11.25
C GLN A 198 -3.48 -9.26 11.67
N GLU A 199 -2.59 -10.23 11.80
CA GLU A 199 -2.96 -11.59 12.19
C GLU A 199 -3.48 -11.65 13.63
N SER A 200 -3.23 -10.59 14.39
CA SER A 200 -3.66 -10.54 15.78
C SER A 200 -5.10 -10.08 15.90
N LEU A 201 -5.53 -9.26 14.95
CA LEU A 201 -6.89 -8.75 14.93
C LEU A 201 -7.67 -9.74 14.07
N PRO A 202 -8.45 -10.62 14.71
CA PRO A 202 -9.28 -11.68 14.11
C PRO A 202 -9.96 -11.34 12.80
N HIS A 203 -10.71 -10.24 12.79
CA HIS A 203 -11.43 -9.81 11.60
C HIS A 203 -11.20 -8.34 11.24
N ALA A 204 -9.99 -8.02 10.77
CA ALA A 204 -9.69 -6.65 10.39
C ALA A 204 -9.81 -6.50 8.87
N GLY A 205 -9.71 -5.28 8.37
CA GLY A 205 -9.83 -5.06 6.94
C GLY A 205 -8.53 -5.21 6.16
N PRO A 206 -8.56 -4.94 4.85
CA PRO A 206 -7.33 -5.07 4.06
C PRO A 206 -6.21 -4.20 4.62
N ILE A 207 -5.01 -4.43 4.17
CA ILE A 207 -3.88 -3.64 4.64
C ILE A 207 -3.65 -2.47 3.69
N ILE A 208 -3.91 -1.28 4.19
CA ILE A 208 -3.71 -0.07 3.43
C ILE A 208 -2.22 0.28 3.27
N VAL A 209 -1.61 -0.15 2.18
CA VAL A 209 -0.22 0.16 1.91
C VAL A 209 -0.26 1.43 1.05
N HIS A 210 0.85 2.15 0.99
CA HIS A 210 0.89 3.39 0.21
C HIS A 210 2.14 4.21 0.45
N SER A 211 2.39 5.14 -0.45
CA SER A 211 3.53 6.04 -0.38
C SER A 211 2.97 7.37 -0.87
N SER A 212 3.70 8.05 -1.74
CA SER A 212 3.21 9.31 -2.28
C SER A 212 2.06 8.88 -3.21
N ALA A 213 2.43 8.14 -4.26
CA ALA A 213 1.48 7.59 -5.23
C ALA A 213 1.70 6.07 -5.23
N GLY A 214 0.91 5.36 -4.45
CA GLY A 214 1.03 3.92 -4.35
C GLY A 214 1.35 3.14 -5.62
N ILE A 215 2.63 3.08 -6.00
CA ILE A 215 3.03 2.36 -7.21
C ILE A 215 4.33 1.58 -7.03
N GLY A 216 5.46 2.28 -7.05
CA GLY A 216 6.75 1.62 -6.89
C GLY A 216 6.97 0.98 -5.53
N ARG A 217 7.24 1.81 -4.53
CA ARG A 217 7.46 1.36 -3.16
C ARG A 217 6.32 0.46 -2.73
N THR A 218 5.10 0.91 -3.00
CA THR A 218 3.86 0.22 -2.67
C THR A 218 3.74 -1.14 -3.37
N GLY A 219 4.13 -1.19 -4.63
CA GLY A 219 4.04 -2.43 -5.37
C GLY A 219 5.03 -3.44 -4.84
N THR A 220 6.26 -3.00 -4.64
CA THR A 220 7.34 -3.84 -4.12
C THR A 220 6.95 -4.36 -2.73
N ILE A 221 6.55 -3.44 -1.86
CA ILE A 221 6.13 -3.79 -0.52
C ILE A 221 5.08 -4.90 -0.50
N ILE A 222 4.14 -4.85 -1.45
CA ILE A 222 3.07 -5.85 -1.52
C ILE A 222 3.56 -7.19 -2.01
N VAL A 223 4.34 -7.17 -3.09
CA VAL A 223 4.83 -8.41 -3.66
C VAL A 223 5.79 -9.13 -2.73
N ILE A 224 6.70 -8.40 -2.08
CA ILE A 224 7.63 -9.04 -1.13
C ILE A 224 6.78 -9.72 -0.04
N ASP A 225 6.02 -8.93 0.71
CA ASP A 225 5.16 -9.48 1.77
C ASP A 225 4.29 -10.61 1.22
N MET A 226 3.72 -10.39 0.04
CA MET A 226 2.87 -11.38 -0.60
C MET A 226 3.66 -12.66 -0.79
N LEU A 227 4.88 -12.50 -1.27
CA LEU A 227 5.77 -13.63 -1.51
C LEU A 227 6.14 -14.30 -0.18
N MET A 228 6.27 -13.50 0.87
CA MET A 228 6.61 -14.01 2.19
C MET A 228 5.55 -14.97 2.72
N GLU A 229 4.28 -14.66 2.49
CA GLU A 229 3.18 -15.51 2.95
C GLU A 229 2.98 -16.75 2.07
N ASN A 230 3.48 -16.72 0.84
CA ASN A 230 3.37 -17.87 -0.04
C ASN A 230 4.31 -18.94 0.52
N ILE A 231 5.49 -18.50 0.92
CA ILE A 231 6.51 -19.36 1.51
C ILE A 231 6.03 -19.72 2.90
N SER A 232 5.66 -18.69 3.66
CA SER A 232 5.18 -18.89 5.01
C SER A 232 3.99 -19.80 4.99
N THR A 233 3.21 -19.76 3.92
CA THR A 233 2.02 -20.58 3.80
C THR A 233 2.23 -21.88 3.02
N LYS A 234 2.99 -21.82 1.94
CA LYS A 234 3.23 -23.02 1.11
C LYS A 234 4.56 -23.73 1.38
N GLY A 235 5.61 -22.97 1.69
CA GLY A 235 6.89 -23.59 1.96
C GLY A 235 8.10 -22.91 1.35
N LEU A 236 9.28 -23.28 1.81
CA LEU A 236 10.54 -22.72 1.33
C LEU A 236 10.92 -23.45 0.06
N ASP A 237 10.64 -24.74 0.07
CA ASP A 237 10.97 -25.60 -1.06
C ASP A 237 9.87 -25.56 -2.11
N CYS A 238 9.16 -24.43 -2.16
CA CYS A 238 8.07 -24.20 -3.12
C CYS A 238 8.58 -23.31 -4.24
N ASP A 239 7.88 -23.31 -5.37
CA ASP A 239 8.29 -22.49 -6.50
C ASP A 239 7.81 -21.05 -6.38
N ILE A 240 8.73 -20.11 -6.53
CA ILE A 240 8.40 -18.70 -6.44
C ILE A 240 8.31 -18.16 -7.87
N ASP A 241 7.39 -17.25 -8.11
CA ASP A 241 7.19 -16.69 -9.45
C ASP A 241 7.21 -15.17 -9.44
N ILE A 242 8.30 -14.58 -8.98
CA ILE A 242 8.41 -13.13 -8.88
C ILE A 242 7.81 -12.42 -10.09
N GLN A 243 8.33 -12.75 -11.27
CA GLN A 243 7.84 -12.15 -12.49
C GLN A 243 6.32 -12.32 -12.62
N LYS A 244 5.84 -13.56 -12.48
CA LYS A 244 4.41 -13.84 -12.57
C LYS A 244 3.65 -13.17 -11.42
N THR A 245 4.35 -13.02 -10.30
CA THR A 245 3.80 -12.40 -9.11
C THR A 245 3.62 -10.90 -9.32
N ILE A 246 4.70 -10.22 -9.74
CA ILE A 246 4.64 -8.77 -9.97
C ILE A 246 3.57 -8.40 -10.99
N GLN A 247 3.39 -9.26 -11.99
CA GLN A 247 2.39 -9.03 -13.01
C GLN A 247 1.01 -9.13 -12.39
N MET A 248 0.72 -10.25 -11.73
CA MET A 248 -0.56 -10.46 -11.07
C MET A 248 -0.93 -9.20 -10.30
N VAL A 249 0.09 -8.55 -9.75
CA VAL A 249 -0.12 -7.34 -8.98
C VAL A 249 -0.45 -6.16 -9.89
N ARG A 250 0.33 -6.00 -10.95
CA ARG A 250 0.11 -4.92 -11.91
C ARG A 250 -1.30 -4.99 -12.46
N ALA A 251 -1.70 -6.17 -12.89
CA ALA A 251 -3.03 -6.40 -13.44
C ALA A 251 -4.13 -6.11 -12.43
N GLN A 252 -3.80 -5.40 -11.35
CA GLN A 252 -4.78 -5.09 -10.31
C GLN A 252 -4.79 -3.61 -10.00
N ARG A 253 -3.67 -2.96 -10.35
CA ARG A 253 -3.47 -1.54 -10.15
C ARG A 253 -2.21 -1.32 -10.97
N SER A 254 -2.24 -0.34 -11.85
CA SER A 254 -1.10 -0.08 -12.71
C SER A 254 -0.03 0.73 -12.01
N GLY A 255 1.21 0.32 -12.18
CA GLY A 255 2.31 1.05 -11.58
C GLY A 255 3.02 0.32 -10.46
N MET A 256 2.39 -0.72 -9.92
CA MET A 256 2.98 -1.51 -8.85
C MET A 256 4.34 -2.00 -9.27
N VAL A 257 5.39 -1.56 -8.58
CA VAL A 257 6.75 -1.99 -8.92
C VAL A 257 7.13 -1.31 -10.25
N GLN A 258 7.55 -0.06 -10.11
CA GLN A 258 7.89 0.80 -11.24
C GLN A 258 9.27 0.77 -11.86
N THR A 259 10.32 0.54 -11.07
CA THR A 259 11.67 0.59 -11.62
C THR A 259 12.37 -0.75 -11.71
N GLU A 260 13.67 -0.72 -12.05
CA GLU A 260 14.43 -1.95 -12.15
C GLU A 260 14.89 -2.31 -10.73
N ALA A 261 15.37 -1.29 -10.03
CA ALA A 261 15.81 -1.44 -8.66
C ALA A 261 14.78 -2.25 -7.84
N GLN A 262 13.60 -1.67 -7.61
CA GLN A 262 12.57 -2.34 -6.82
C GLN A 262 12.39 -3.75 -7.32
N TYR A 263 12.83 -4.00 -8.53
CA TYR A 263 12.71 -5.32 -9.13
C TYR A 263 13.74 -6.30 -8.56
N LYS A 264 14.82 -5.75 -8.02
CA LYS A 264 15.90 -6.54 -7.43
C LYS A 264 15.78 -6.63 -5.92
N PHE A 265 15.33 -5.55 -5.31
CA PHE A 265 15.17 -5.53 -3.87
C PHE A 265 14.31 -6.72 -3.47
N ILE A 266 13.49 -7.17 -4.40
CA ILE A 266 12.58 -8.28 -4.16
C ILE A 266 13.35 -9.60 -4.29
N TYR A 267 14.30 -9.64 -5.21
CA TYR A 267 15.11 -10.83 -5.40
C TYR A 267 16.09 -10.94 -4.24
N VAL A 268 16.40 -9.78 -3.66
CA VAL A 268 17.32 -9.73 -2.54
C VAL A 268 16.53 -10.10 -1.30
N ALA A 269 15.45 -9.36 -1.05
CA ALA A 269 14.62 -9.60 0.12
C ALA A 269 14.11 -11.04 0.26
N ILE A 270 13.85 -11.70 -0.86
CA ILE A 270 13.32 -13.06 -0.81
C ILE A 270 14.41 -14.13 -0.76
N ALA A 271 15.59 -13.82 -1.31
CA ALA A 271 16.69 -14.79 -1.26
C ALA A 271 17.24 -14.77 0.16
N GLN A 272 17.18 -13.60 0.80
CA GLN A 272 17.64 -13.41 2.16
C GLN A 272 16.67 -14.02 3.15
N PHE A 273 15.42 -13.55 3.14
CA PHE A 273 14.37 -14.05 4.02
C PHE A 273 14.38 -15.56 4.03
N ILE A 274 14.62 -16.15 2.85
CA ILE A 274 14.64 -17.60 2.70
C ILE A 274 15.82 -18.26 3.41
N GLU A 275 17.03 -17.86 3.03
CA GLU A 275 18.27 -18.41 3.61
C GLU A 275 18.43 -18.11 5.09
N THR A 276 17.68 -17.12 5.57
CA THR A 276 17.71 -16.72 6.97
C THR A 276 16.63 -17.52 7.71
N THR A 277 15.57 -17.89 7.00
CA THR A 277 14.49 -18.67 7.59
C THR A 277 14.95 -20.12 7.75
N LYS A 278 15.80 -20.56 6.85
CA LYS A 278 16.34 -21.92 6.93
C LYS A 278 17.59 -21.93 7.82
N LYS A 279 18.25 -20.79 7.92
CA LYS A 279 19.43 -20.65 8.75
C LYS A 279 18.91 -20.87 10.16
N LYS A 280 17.89 -20.10 10.52
CA LYS A 280 17.24 -20.20 11.81
C LYS A 280 16.94 -21.68 12.04
N LEU A 281 16.30 -22.29 11.05
CA LEU A 281 15.94 -23.70 11.13
C LEU A 281 17.17 -24.58 11.18
N GLU A 282 18.31 -24.00 10.84
CA GLU A 282 19.57 -24.73 10.80
C GLU A 282 19.48 -25.74 9.66
N VAL A 283 18.82 -25.32 8.59
CA VAL A 283 18.65 -26.15 7.41
C VAL A 283 20.03 -26.36 6.82
N LEU A 284 20.57 -27.56 7.01
CA LEU A 284 21.89 -27.89 6.51
C LEU A 284 21.82 -28.66 5.19
N GLU B 1 1.35 26.11 -5.64
CA GLU B 1 1.33 25.15 -6.77
C GLU B 1 1.88 23.79 -6.38
N ASP B 2 0.98 22.88 -6.04
CA ASP B 2 1.32 21.52 -5.64
C ASP B 2 1.93 20.73 -6.80
N THR B 3 3.24 20.92 -7.01
CA THR B 3 3.97 20.25 -8.09
C THR B 3 4.22 18.77 -7.84
N LEU B 4 4.92 18.10 -8.77
CA LEU B 4 5.22 16.68 -8.65
C LEU B 4 5.94 16.07 -9.86
N THR B 5 5.91 14.73 -9.91
CA THR B 5 6.54 13.89 -10.95
C THR B 5 6.28 12.45 -10.46
N PTR B 6 6.67 11.42 -11.23
CA PTR B 6 6.46 10.03 -10.79
C PTR B 6 5.98 8.97 -11.81
O PTR B 6 6.76 8.40 -12.58
CB PTR B 6 5.46 9.99 -9.63
CG PTR B 6 5.91 9.32 -8.35
CD1 PTR B 6 5.47 8.03 -8.03
CD2 PTR B 6 6.68 9.99 -7.42
CE1 PTR B 6 5.78 7.45 -6.81
CE2 PTR B 6 6.99 9.43 -6.20
CZ PTR B 6 6.55 8.16 -5.90
OH PTR B 6 6.86 7.61 -4.61
P PTR B 6 6.54 6.27 -4.04
O1P PTR B 6 7.41 5.26 -4.70
O2P PTR B 6 6.80 6.28 -2.59
O3P PTR B 6 5.12 5.93 -4.30
N ALA B 7 4.67 8.73 -11.73
CA ALA B 7 3.89 7.77 -12.52
C ALA B 7 4.40 7.11 -13.82
N ASP B 8 3.83 5.93 -14.06
CA ASP B 8 4.10 5.05 -15.22
C ASP B 8 3.36 3.83 -14.73
N LEU B 9 2.95 2.91 -15.59
CA LEU B 9 2.19 1.79 -15.05
C LEU B 9 1.82 0.58 -15.91
N ASP B 10 0.88 -0.18 -15.36
CA ASP B 10 0.32 -1.37 -16.00
C ASP B 10 -0.79 -1.91 -15.11
#